data_5XRX
#
_entry.id   5XRX
#
_entity_poly.entity_id   1
_entity_poly.type   'polypeptide(L)'
_entity_poly.pdbx_seq_one_letter_code
;EFKRIVQRIKDFLRNLV
;
_entity_poly.pdbx_strand_id   A
#
# COMPACT_ATOMS: atom_id res chain seq x y z
N GLU A 1 -1.84 -6.90 1.14
CA GLU A 1 -1.44 -7.00 -0.26
C GLU A 1 -0.04 -6.46 -0.46
N PHE A 2 0.10 -5.13 -0.40
CA PHE A 2 1.40 -4.48 -0.57
C PHE A 2 1.92 -4.68 -2.00
N LYS A 3 1.05 -5.18 -2.87
CA LYS A 3 1.41 -5.43 -4.27
C LYS A 3 0.50 -4.64 -5.20
N ARG A 4 -0.52 -4.01 -4.64
CA ARG A 4 -1.47 -3.23 -5.44
C ARG A 4 -1.10 -1.75 -5.39
N ILE A 5 -0.18 -1.34 -6.25
CA ILE A 5 0.25 0.05 -6.31
C ILE A 5 0.86 0.50 -4.98
N VAL A 6 1.21 -0.47 -4.15
CA VAL A 6 1.81 -0.18 -2.85
C VAL A 6 3.27 -0.59 -2.81
N GLN A 7 3.81 -0.97 -3.97
CA GLN A 7 5.20 -1.38 -4.08
C GLN A 7 6.13 -0.27 -3.61
N ARG A 8 5.69 0.97 -3.77
CA ARG A 8 6.49 2.13 -3.37
C ARG A 8 6.33 2.39 -1.88
N ILE A 9 5.45 1.65 -1.24
CA ILE A 9 5.20 1.81 0.19
C ILE A 9 4.72 3.22 0.51
N LYS A 10 4.34 3.96 -0.53
CA LYS A 10 3.86 5.33 -0.36
C LYS A 10 2.76 5.39 0.70
N ASP A 11 1.96 4.34 0.78
CA ASP A 11 0.87 4.28 1.75
C ASP A 11 1.04 3.08 2.67
N PHE A 12 0.70 1.89 2.17
CA PHE A 12 0.82 0.67 2.95
C PHE A 12 -0.25 0.61 4.03
N LEU A 13 -0.12 1.48 5.03
CA LEU A 13 -1.07 1.54 6.14
C LEU A 13 -2.12 2.62 5.89
N ARG A 14 -1.94 3.39 4.83
CA ARG A 14 -2.87 4.46 4.49
C ARG A 14 -3.80 4.03 3.36
N ASN A 15 -3.73 2.75 3.00
CA ASN A 15 -4.56 2.20 1.93
C ASN A 15 -5.79 1.51 2.51
N LEU A 16 -5.85 1.41 3.83
CA LEU A 16 -6.97 0.77 4.51
C LEU A 16 -6.86 0.93 6.02
N VAL A 17 -5.74 0.48 6.58
CA VAL A 17 -5.52 0.57 8.01
C VAL A 17 -4.10 0.13 8.37
N GLU A 1 -1.60 -6.52 0.17
CA GLU A 1 -0.79 -7.25 -0.80
C GLU A 1 0.56 -6.58 -0.99
N PHE A 2 0.58 -5.26 -0.89
CA PHE A 2 1.82 -4.49 -1.05
C PHE A 2 2.33 -4.60 -2.48
N LYS A 3 1.51 -5.14 -3.36
CA LYS A 3 1.88 -5.30 -4.77
C LYS A 3 0.91 -4.55 -5.68
N ARG A 4 -0.16 -4.03 -5.09
CA ARG A 4 -1.16 -3.29 -5.86
C ARG A 4 -0.91 -1.79 -5.77
N ILE A 5 0.00 -1.30 -6.62
CA ILE A 5 0.32 0.12 -6.63
C ILE A 5 0.85 0.58 -5.28
N VAL A 6 1.24 -0.37 -4.45
CA VAL A 6 1.77 -0.06 -3.12
C VAL A 6 3.26 -0.35 -3.05
N GLN A 7 3.86 -0.66 -4.19
CA GLN A 7 5.29 -0.95 -4.25
C GLN A 7 6.11 0.23 -3.76
N ARG A 8 5.51 1.42 -3.79
CA ARG A 8 6.19 2.63 -3.35
C ARG A 8 6.02 2.83 -1.85
N ILE A 9 5.24 1.96 -1.23
CA ILE A 9 5.01 2.05 0.20
C ILE A 9 4.37 3.38 0.59
N LYS A 10 3.88 4.09 -0.42
CA LYS A 10 3.24 5.39 -0.19
C LYS A 10 2.17 5.29 0.90
N ASP A 11 1.48 4.16 0.94
CA ASP A 11 0.43 3.93 1.93
C ASP A 11 0.75 2.71 2.79
N PHE A 12 0.52 1.53 2.22
CA PHE A 12 0.78 0.29 2.93
C PHE A 12 -0.25 0.07 4.04
N LEU A 13 -0.19 0.89 5.07
CA LEU A 13 -1.11 0.78 6.20
C LEU A 13 -2.25 1.79 6.06
N ARG A 14 -2.16 2.64 5.04
CA ARG A 14 -3.18 3.65 4.79
C ARG A 14 -4.24 3.14 3.83
N ASN A 15 -4.14 1.85 3.49
CA ASN A 15 -5.10 1.23 2.58
C ASN A 15 -6.03 0.28 3.32
N LEU A 16 -5.94 0.28 4.65
CA LEU A 16 -6.77 -0.58 5.47
C LEU A 16 -8.07 0.14 5.87
N VAL A 17 -7.97 1.45 6.07
CA VAL A 17 -9.13 2.25 6.46
C VAL A 17 -9.51 3.23 5.35
N GLU A 1 -0.93 -7.66 0.85
CA GLU A 1 -0.56 -7.70 -0.56
C GLU A 1 0.73 -6.92 -0.81
N PHE A 2 0.63 -5.60 -0.75
CA PHE A 2 1.78 -4.74 -0.97
C PHE A 2 2.29 -4.86 -2.42
N LYS A 3 1.50 -5.51 -3.26
CA LYS A 3 1.86 -5.70 -4.65
C LYS A 3 0.81 -5.10 -5.58
N ARG A 4 -0.30 -4.66 -5.00
CA ARG A 4 -1.38 -4.07 -5.76
C ARG A 4 -1.28 -2.54 -5.76
N ILE A 5 -0.44 -2.00 -6.64
CA ILE A 5 -0.25 -0.55 -6.74
C ILE A 5 0.25 0.01 -5.42
N VAL A 6 0.78 -0.86 -4.56
CA VAL A 6 1.30 -0.44 -3.27
C VAL A 6 2.83 -0.50 -3.24
N GLN A 7 3.42 -0.82 -4.39
CA GLN A 7 4.86 -0.91 -4.51
C GLN A 7 5.53 0.39 -4.09
N ARG A 8 4.83 1.50 -4.29
CA ARG A 8 5.36 2.81 -3.93
C ARG A 8 5.38 3.00 -2.42
N ILE A 9 4.67 2.12 -1.71
CA ILE A 9 4.61 2.18 -0.25
C ILE A 9 4.01 3.51 0.21
N LYS A 10 3.41 4.24 -0.72
CA LYS A 10 2.80 5.52 -0.42
C LYS A 10 1.85 5.39 0.78
N ASP A 11 1.19 4.24 0.88
CA ASP A 11 0.26 4.00 1.98
C ASP A 11 0.69 2.78 2.80
N PHE A 12 0.45 1.59 2.25
CA PHE A 12 0.82 0.36 2.94
C PHE A 12 -0.09 0.11 4.14
N LEU A 13 0.05 0.93 5.16
CA LEU A 13 -0.76 0.80 6.37
C LEU A 13 -1.94 1.78 6.34
N ARG A 14 -1.96 2.64 5.33
CA ARG A 14 -3.03 3.63 5.20
C ARG A 14 -3.95 3.27 4.02
N ASN A 15 -3.73 2.09 3.44
CA ASN A 15 -4.54 1.64 2.31
C ASN A 15 -5.65 0.72 2.78
N LEU A 16 -5.81 0.59 4.10
CA LEU A 16 -6.84 -0.26 4.67
C LEU A 16 -7.88 0.58 5.41
N VAL A 17 -7.44 1.70 5.98
CA VAL A 17 -8.33 2.58 6.71
C VAL A 17 -9.05 3.55 5.78
N GLU A 1 -1.33 -6.31 1.19
CA GLU A 1 -0.61 -7.07 0.18
C GLU A 1 0.73 -6.43 -0.15
N PHE A 2 0.77 -5.10 -0.09
CA PHE A 2 1.98 -4.35 -0.39
C PHE A 2 2.37 -4.51 -1.86
N LYS A 3 1.47 -5.08 -2.65
CA LYS A 3 1.72 -5.29 -4.07
C LYS A 3 0.67 -4.59 -4.92
N ARG A 4 -0.35 -4.03 -4.25
CA ARG A 4 -1.41 -3.33 -4.95
C ARG A 4 -1.17 -1.81 -4.94
N ILE A 5 -0.36 -1.34 -5.88
CA ILE A 5 -0.05 0.08 -5.97
C ILE A 5 0.66 0.57 -4.71
N VAL A 6 1.16 -0.36 -3.92
CA VAL A 6 1.85 -0.03 -2.68
C VAL A 6 3.34 -0.35 -2.78
N GLN A 7 3.79 -0.68 -3.99
CA GLN A 7 5.20 -1.01 -4.22
C GLN A 7 6.09 0.17 -3.84
N ARG A 8 5.54 1.37 -3.89
CA ARG A 8 6.29 2.57 -3.55
C ARG A 8 6.23 2.85 -2.06
N ILE A 9 5.46 2.03 -1.33
CA ILE A 9 5.32 2.19 0.10
C ILE A 9 4.74 3.56 0.45
N LYS A 10 4.21 4.24 -0.55
CA LYS A 10 3.61 5.56 -0.34
C LYS A 10 2.63 5.54 0.81
N ASP A 11 1.92 4.42 0.96
CA ASP A 11 0.94 4.27 2.04
C ASP A 11 1.30 3.11 2.94
N PHE A 12 1.02 1.89 2.48
CA PHE A 12 1.31 0.69 3.25
C PHE A 12 0.36 0.56 4.43
N LEU A 13 0.51 1.45 5.41
CA LEU A 13 -0.34 1.42 6.59
C LEU A 13 -1.48 2.45 6.47
N ARG A 14 -1.43 3.24 5.41
CA ARG A 14 -2.45 4.25 5.17
C ARG A 14 -3.55 3.72 4.25
N ASN A 15 -3.49 2.43 3.95
CA ASN A 15 -4.47 1.80 3.08
C ASN A 15 -5.59 1.17 3.90
N LEU A 16 -5.58 1.42 5.21
CA LEU A 16 -6.59 0.86 6.10
C LEU A 16 -6.40 -0.63 6.29
N VAL A 17 -6.66 -1.39 5.21
CA VAL A 17 -6.52 -2.84 5.26
C VAL A 17 -5.24 -3.29 4.55
N GLU A 1 -1.52 -6.29 1.36
CA GLU A 1 -0.76 -7.08 0.39
C GLU A 1 0.57 -6.42 0.09
N PHE A 2 0.60 -5.09 0.10
CA PHE A 2 1.82 -4.34 -0.18
C PHE A 2 2.26 -4.55 -1.62
N LYS A 3 1.39 -5.15 -2.43
CA LYS A 3 1.68 -5.40 -3.84
C LYS A 3 0.65 -4.73 -4.74
N ARG A 4 -0.38 -4.17 -4.12
CA ARG A 4 -1.43 -3.49 -4.88
C ARG A 4 -1.20 -1.98 -4.90
N ILE A 5 -0.37 -1.53 -5.84
CA ILE A 5 -0.06 -0.11 -5.96
C ILE A 5 0.59 0.43 -4.68
N VAL A 6 1.07 -0.49 -3.85
CA VAL A 6 1.73 -0.10 -2.60
C VAL A 6 3.23 -0.40 -2.65
N GLN A 7 3.71 -0.77 -3.83
CA GLN A 7 5.12 -1.09 -4.01
C GLN A 7 6.00 0.11 -3.63
N ARG A 8 5.44 1.31 -3.74
CA ARG A 8 6.17 2.52 -3.42
C ARG A 8 6.05 2.85 -1.93
N ILE A 9 5.28 2.04 -1.21
CA ILE A 9 5.08 2.24 0.22
C ILE A 9 4.48 3.62 0.50
N LYS A 10 3.97 4.26 -0.53
CA LYS A 10 3.36 5.58 -0.40
C LYS A 10 2.34 5.59 0.73
N ASP A 11 1.63 4.47 0.89
CA ASP A 11 0.62 4.34 1.94
C ASP A 11 0.96 3.21 2.90
N PHE A 12 0.71 1.98 2.46
CA PHE A 12 0.98 0.81 3.28
C PHE A 12 -0.01 0.70 4.43
N LEU A 13 0.10 1.62 5.38
CA LEU A 13 -0.79 1.64 6.54
C LEU A 13 -1.92 2.63 6.35
N ARG A 14 -1.87 3.37 5.25
CA ARG A 14 -2.90 4.37 4.95
C ARG A 14 -3.79 3.88 3.80
N ASN A 15 -3.60 2.63 3.39
CA ASN A 15 -4.38 2.06 2.31
C ASN A 15 -5.48 1.15 2.85
N LEU A 16 -5.48 0.95 4.17
CA LEU A 16 -6.48 0.11 4.82
C LEU A 16 -6.23 -1.36 4.51
N VAL A 17 -6.45 -1.73 3.25
CA VAL A 17 -6.25 -3.12 2.82
C VAL A 17 -4.93 -3.26 2.05
N GLU A 1 -1.50 -6.91 1.34
CA GLU A 1 -1.10 -7.01 -0.06
C GLU A 1 0.27 -6.38 -0.27
N PHE A 2 0.32 -5.05 -0.22
CA PHE A 2 1.58 -4.32 -0.41
C PHE A 2 2.10 -4.50 -1.84
N LYS A 3 1.26 -5.07 -2.70
CA LYS A 3 1.63 -5.30 -4.09
C LYS A 3 0.68 -4.58 -5.04
N ARG A 4 -0.39 -4.02 -4.48
CA ARG A 4 -1.38 -3.31 -5.27
C ARG A 4 -1.12 -1.80 -5.25
N ILE A 5 -0.22 -1.35 -6.12
CA ILE A 5 0.13 0.06 -6.20
C ILE A 5 0.71 0.56 -4.88
N VAL A 6 1.12 -0.38 -4.03
CA VAL A 6 1.70 -0.03 -2.74
C VAL A 6 3.19 -0.36 -2.69
N GLN A 7 3.74 -0.71 -3.85
CA GLN A 7 5.15 -1.06 -3.95
C GLN A 7 6.03 0.11 -3.49
N ARG A 8 5.51 1.32 -3.62
CA ARG A 8 6.24 2.52 -3.23
C ARG A 8 6.05 2.80 -1.74
N ILE A 9 5.21 2.00 -1.10
CA ILE A 9 4.94 2.17 0.33
C ILE A 9 4.36 3.54 0.62
N LYS A 10 3.92 4.24 -0.42
CA LYS A 10 3.34 5.57 -0.28
C LYS A 10 2.25 5.57 0.78
N ASP A 11 1.52 4.46 0.88
CA ASP A 11 0.44 4.34 1.86
C ASP A 11 0.70 3.16 2.80
N PHE A 12 0.46 1.96 2.32
CA PHE A 12 0.66 0.76 3.12
C PHE A 12 -0.40 0.64 4.21
N LEU A 13 -0.33 1.53 5.19
CA LEU A 13 -1.29 1.53 6.30
C LEU A 13 -2.38 2.57 6.07
N ARG A 14 -2.24 3.35 5.00
CA ARG A 14 -3.22 4.38 4.67
C ARG A 14 -4.28 3.83 3.73
N ASN A 15 -4.23 2.52 3.48
CA ASN A 15 -5.20 1.88 2.60
C ASN A 15 -5.99 0.80 3.34
N LEU A 16 -5.78 0.72 4.65
CA LEU A 16 -6.48 -0.25 5.48
C LEU A 16 -5.95 -1.66 5.22
N VAL A 17 -6.22 -2.18 4.02
CA VAL A 17 -5.77 -3.51 3.65
C VAL A 17 -6.15 -4.54 4.70
N GLU A 1 -1.19 -6.89 0.43
CA GLU A 1 -0.56 -7.62 -0.68
C GLU A 1 0.86 -7.11 -0.93
N PHE A 2 1.07 -5.81 -0.69
CA PHE A 2 2.38 -5.21 -0.89
C PHE A 2 2.78 -5.23 -2.36
N LYS A 3 1.83 -5.60 -3.21
CA LYS A 3 2.08 -5.67 -4.65
C LYS A 3 1.10 -4.77 -5.41
N ARG A 4 0.11 -4.25 -4.70
CA ARG A 4 -0.90 -3.38 -5.31
C ARG A 4 -0.55 -1.91 -5.07
N ILE A 5 0.31 -1.36 -5.92
CA ILE A 5 0.72 0.03 -5.81
C ILE A 5 1.37 0.30 -4.46
N VAL A 6 1.79 -0.76 -3.78
CA VAL A 6 2.43 -0.65 -2.48
C VAL A 6 3.95 -0.73 -2.61
N GLN A 7 4.42 -1.00 -3.82
CA GLN A 7 5.85 -1.12 -4.07
C GLN A 7 6.58 0.16 -3.66
N ARG A 8 5.87 1.28 -3.70
CA ARG A 8 6.44 2.57 -3.32
C ARG A 8 6.13 2.91 -1.86
N ILE A 9 5.40 2.01 -1.20
CA ILE A 9 5.03 2.21 0.19
C ILE A 9 4.10 3.41 0.35
N LYS A 10 3.59 3.91 -0.78
CA LYS A 10 2.68 5.04 -0.77
C LYS A 10 1.57 4.85 0.25
N ASP A 11 1.07 3.62 0.35
CA ASP A 11 0.00 3.30 1.28
C ASP A 11 0.43 2.20 2.24
N PHE A 12 0.39 0.96 1.78
CA PHE A 12 0.78 -0.19 2.60
C PHE A 12 -0.22 -0.41 3.73
N LEU A 13 -0.22 0.50 4.70
CA LEU A 13 -1.13 0.40 5.83
C LEU A 13 -2.08 1.60 5.88
N ARG A 14 -1.85 2.55 4.99
CA ARG A 14 -2.69 3.75 4.92
C ARG A 14 -3.90 3.53 4.02
N ASN A 15 -4.07 2.29 3.57
CA ASN A 15 -5.18 1.94 2.70
C ASN A 15 -6.28 1.21 3.48
N LEU A 16 -6.11 1.13 4.78
CA LEU A 16 -7.09 0.46 5.64
C LEU A 16 -7.99 1.48 6.34
N VAL A 17 -7.43 2.63 6.68
CA VAL A 17 -8.19 3.68 7.34
C VAL A 17 -8.13 4.99 6.55
N GLU A 1 -0.22 -5.67 1.04
CA GLU A 1 0.23 -6.66 0.07
C GLU A 1 1.55 -6.25 -0.56
N PHE A 2 1.76 -4.94 -0.70
CA PHE A 2 2.98 -4.41 -1.29
C PHE A 2 3.07 -4.76 -2.76
N LYS A 3 1.99 -5.29 -3.31
CA LYS A 3 1.94 -5.68 -4.72
C LYS A 3 0.83 -4.94 -5.46
N ARG A 4 -0.08 -4.34 -4.69
CA ARG A 4 -1.19 -3.61 -5.26
C ARG A 4 -1.17 -2.15 -4.82
N ILE A 5 -0.50 -1.31 -5.60
CA ILE A 5 -0.40 0.12 -5.29
C ILE A 5 0.26 0.34 -3.94
N VAL A 6 0.91 -0.70 -3.43
CA VAL A 6 1.59 -0.63 -2.14
C VAL A 6 3.08 -0.91 -2.28
N GLN A 7 3.46 -1.43 -3.44
CA GLN A 7 4.87 -1.76 -3.70
C GLN A 7 5.75 -0.54 -3.48
N ARG A 8 5.20 0.64 -3.69
CA ARG A 8 5.95 1.88 -3.51
C ARG A 8 6.13 2.19 -2.02
N ILE A 9 5.20 1.71 -1.20
CA ILE A 9 5.27 1.93 0.24
C ILE A 9 4.82 3.34 0.60
N LYS A 10 4.64 4.18 -0.43
CA LYS A 10 4.20 5.56 -0.23
C LYS A 10 2.98 5.61 0.70
N ASP A 11 2.14 4.59 0.61
CA ASP A 11 0.93 4.52 1.44
C ASP A 11 0.99 3.31 2.37
N PHE A 12 0.64 2.15 1.83
CA PHE A 12 0.64 0.91 2.61
C PHE A 12 -0.51 0.91 3.62
N LEU A 13 -0.40 1.77 4.63
CA LEU A 13 -1.43 1.86 5.66
C LEU A 13 -2.36 3.04 5.40
N ARG A 14 -2.01 3.85 4.42
CA ARG A 14 -2.81 5.02 4.06
C ARG A 14 -3.95 4.64 3.14
N ASN A 15 -3.98 3.37 2.74
CA ASN A 15 -5.03 2.87 1.85
C ASN A 15 -6.18 2.28 2.66
N LEU A 16 -6.13 2.45 3.97
CA LEU A 16 -7.18 1.95 4.85
C LEU A 16 -7.21 0.43 4.84
N VAL A 17 -7.00 -0.18 6.01
CA VAL A 17 -7.02 -1.63 6.12
C VAL A 17 -8.42 -2.19 5.95
N GLU A 1 -0.72 -7.18 0.28
CA GLU A 1 -0.41 -7.28 -1.14
C GLU A 1 0.91 -6.57 -1.44
N PHE A 2 0.89 -5.24 -1.43
CA PHE A 2 2.08 -4.44 -1.70
C PHE A 2 2.51 -4.60 -3.16
N LYS A 3 1.64 -5.21 -3.97
CA LYS A 3 1.94 -5.42 -5.38
C LYS A 3 0.89 -4.74 -6.25
N ARG A 4 -0.16 -4.23 -5.62
CA ARG A 4 -1.24 -3.56 -6.35
C ARG A 4 -1.04 -2.04 -6.31
N ILE A 5 0.07 -1.57 -6.87
CA ILE A 5 0.38 -0.15 -6.91
C ILE A 5 0.66 0.38 -5.50
N VAL A 6 0.86 -0.53 -4.55
CA VAL A 6 1.14 -0.15 -3.18
C VAL A 6 2.62 -0.33 -2.85
N GLN A 7 3.35 -0.95 -3.76
CA GLN A 7 4.78 -1.18 -3.58
C GLN A 7 5.49 0.12 -3.21
N ARG A 8 4.93 1.24 -3.64
CA ARG A 8 5.51 2.55 -3.37
C ARG A 8 5.68 2.76 -1.87
N ILE A 9 4.89 2.04 -1.08
CA ILE A 9 4.94 2.15 0.37
C ILE A 9 4.22 3.40 0.86
N LYS A 10 3.85 4.26 -0.08
CA LYS A 10 3.14 5.50 0.25
C LYS A 10 1.97 5.22 1.20
N ASP A 11 1.35 4.06 1.04
CA ASP A 11 0.22 3.67 1.87
C ASP A 11 0.54 2.39 2.65
N PHE A 12 0.46 1.25 1.96
CA PHE A 12 0.74 -0.03 2.59
C PHE A 12 -0.39 -0.42 3.53
N LEU A 13 -0.51 0.30 4.64
CA LEU A 13 -1.56 0.02 5.63
C LEU A 13 -2.67 1.07 5.55
N ARG A 14 -2.42 2.13 4.78
CA ARG A 14 -3.40 3.20 4.62
C ARG A 14 -4.36 2.89 3.48
N ASN A 15 -4.26 1.69 2.94
CA ASN A 15 -5.12 1.27 1.84
C ASN A 15 -6.49 0.87 2.35
N LEU A 16 -6.66 0.87 3.67
CA LEU A 16 -7.93 0.52 4.29
C LEU A 16 -8.49 1.67 5.10
N VAL A 17 -7.59 2.45 5.69
CA VAL A 17 -8.00 3.60 6.50
C VAL A 17 -8.64 4.68 5.65
N GLU A 1 -0.83 -7.26 0.54
CA GLU A 1 -0.51 -7.27 -0.88
C GLU A 1 0.84 -6.61 -1.13
N PHE A 2 0.87 -5.28 -1.04
CA PHE A 2 2.10 -4.52 -1.27
C PHE A 2 2.53 -4.62 -2.72
N LYS A 3 1.66 -5.17 -3.56
CA LYS A 3 1.96 -5.32 -4.98
C LYS A 3 0.90 -4.61 -5.83
N ARG A 4 -0.14 -4.12 -5.18
CA ARG A 4 -1.21 -3.43 -5.88
C ARG A 4 -1.14 -1.93 -5.64
N ILE A 5 -0.30 -1.25 -6.41
CA ILE A 5 -0.13 0.20 -6.28
C ILE A 5 0.33 0.57 -4.88
N VAL A 6 0.84 -0.41 -4.14
CA VAL A 6 1.32 -0.18 -2.78
C VAL A 6 2.81 -0.50 -2.67
N GLN A 7 3.42 -0.87 -3.79
CA GLN A 7 4.84 -1.19 -3.80
C GLN A 7 5.68 0.02 -3.44
N ARG A 8 5.12 1.21 -3.65
CA ARG A 8 5.82 2.46 -3.35
C ARG A 8 6.07 2.58 -1.86
N ILE A 9 5.28 1.89 -1.06
CA ILE A 9 5.42 1.92 0.40
C ILE A 9 4.82 3.20 0.98
N LYS A 10 4.47 4.14 0.09
CA LYS A 10 3.87 5.40 0.52
C LYS A 10 2.72 5.17 1.48
N ASP A 11 2.01 4.06 1.29
CA ASP A 11 0.88 3.71 2.14
C ASP A 11 1.17 2.45 2.95
N PHE A 12 1.05 1.30 2.30
CA PHE A 12 1.29 0.02 2.96
C PHE A 12 0.17 -0.31 3.93
N LEU A 13 0.10 0.45 5.01
CA LEU A 13 -0.94 0.23 6.04
C LEU A 13 -2.03 1.29 5.93
N ARG A 14 -1.77 2.33 5.14
CA ARG A 14 -2.73 3.41 4.96
C ARG A 14 -3.84 2.99 4.00
N ASN A 15 -3.70 1.81 3.42
CA ASN A 15 -4.69 1.29 2.48
C ASN A 15 -5.79 0.52 3.23
N LEU A 16 -5.75 0.58 4.55
CA LEU A 16 -6.74 -0.11 5.36
C LEU A 16 -7.64 0.89 6.09
N VAL A 17 -7.06 2.03 6.47
CA VAL A 17 -7.81 3.06 7.17
C VAL A 17 -8.94 3.60 6.30
N GLU A 1 0.20 -7.21 0.33
CA GLU A 1 0.30 -7.27 -1.12
C GLU A 1 1.64 -6.70 -1.59
N PHE A 2 1.76 -5.38 -1.56
CA PHE A 2 2.98 -4.71 -1.98
C PHE A 2 3.20 -4.87 -3.49
N LYS A 3 2.19 -5.37 -4.17
CA LYS A 3 2.25 -5.58 -5.62
C LYS A 3 1.16 -4.82 -6.33
N ARG A 4 0.18 -4.33 -5.57
CA ARG A 4 -0.93 -3.58 -6.13
C ARG A 4 -1.01 -2.19 -5.53
N ILE A 5 -0.34 -1.23 -6.18
CA ILE A 5 -0.32 0.15 -5.70
C ILE A 5 0.22 0.23 -4.27
N VAL A 6 0.89 -0.83 -3.85
CA VAL A 6 1.47 -0.86 -2.51
C VAL A 6 2.98 -1.06 -2.57
N GLN A 7 3.48 -1.43 -3.74
CA GLN A 7 4.91 -1.64 -3.93
C GLN A 7 5.70 -0.41 -3.51
N ARG A 8 5.08 0.76 -3.66
CA ARG A 8 5.73 2.02 -3.31
C ARG A 8 5.87 2.15 -1.79
N ILE A 9 4.99 1.49 -1.06
CA ILE A 9 5.01 1.53 0.40
C ILE A 9 4.42 2.84 0.92
N LYS A 10 4.18 3.78 0.00
CA LYS A 10 3.60 5.07 0.37
C LYS A 10 2.36 4.89 1.24
N ASP A 11 1.64 3.80 1.00
CA ASP A 11 0.43 3.51 1.76
C ASP A 11 0.60 2.27 2.62
N PHE A 12 0.46 1.10 2.00
CA PHE A 12 0.62 -0.17 2.71
C PHE A 12 -0.57 -0.42 3.64
N LEU A 13 -0.66 0.38 4.70
CA LEU A 13 -1.75 0.26 5.66
C LEU A 13 -2.58 1.53 5.71
N ARG A 14 -2.09 2.57 5.06
CA ARG A 14 -2.80 3.85 5.03
C ARG A 14 -3.94 3.82 4.01
N ASN A 15 -4.04 2.73 3.27
CA ASN A 15 -5.07 2.58 2.26
C ASN A 15 -6.41 2.21 2.90
N LEU A 16 -6.38 1.98 4.21
CA LEU A 16 -7.59 1.62 4.95
C LEU A 16 -8.04 2.77 5.85
N VAL A 17 -7.07 3.52 6.35
CA VAL A 17 -7.37 4.66 7.23
C VAL A 17 -7.18 5.99 6.50
N GLU A 1 -1.19 -6.41 0.59
CA GLU A 1 -0.41 -7.26 -0.31
C GLU A 1 0.88 -6.55 -0.74
N PHE A 2 0.80 -5.23 -0.87
CA PHE A 2 1.96 -4.43 -1.27
C PHE A 2 2.36 -4.76 -2.70
N LYS A 3 1.49 -5.48 -3.41
CA LYS A 3 1.76 -5.86 -4.79
C LYS A 3 0.69 -5.32 -5.72
N ARG A 4 -0.34 -4.71 -5.14
CA ARG A 4 -1.44 -4.15 -5.92
C ARG A 4 -1.17 -2.68 -6.25
N ILE A 5 -0.05 -2.43 -6.93
CA ILE A 5 0.32 -1.07 -7.30
C ILE A 5 0.66 -0.23 -6.08
N VAL A 6 0.86 -0.90 -4.94
CA VAL A 6 1.20 -0.21 -3.70
C VAL A 6 2.69 -0.29 -3.42
N GLN A 7 3.43 -0.88 -4.35
CA GLN A 7 4.88 -1.03 -4.19
C GLN A 7 5.54 0.32 -3.94
N ARG A 8 4.87 1.39 -4.38
CA ARG A 8 5.39 2.75 -4.20
C ARG A 8 5.47 3.10 -2.72
N ILE A 9 4.81 2.31 -1.89
CA ILE A 9 4.80 2.53 -0.44
C ILE A 9 4.14 3.86 -0.10
N LYS A 10 3.51 4.48 -1.10
CA LYS A 10 2.83 5.75 -0.90
C LYS A 10 1.84 5.67 0.25
N ASP A 11 1.20 4.51 0.40
CA ASP A 11 0.23 4.30 1.46
C ASP A 11 0.65 3.14 2.36
N PHE A 12 0.46 1.92 1.88
CA PHE A 12 0.82 0.73 2.65
C PHE A 12 -0.13 0.52 3.82
N LEU A 13 -0.05 1.42 4.81
CA LEU A 13 -0.92 1.32 5.98
C LEU A 13 -1.94 2.45 5.98
N ARG A 14 -1.82 3.37 5.03
CA ARG A 14 -2.73 4.50 4.91
C ARG A 14 -3.92 4.15 4.03
N ASN A 15 -4.02 2.88 3.64
CA ASN A 15 -5.11 2.43 2.79
C ASN A 15 -5.93 1.35 3.50
N LEU A 16 -5.64 1.12 4.77
CA LEU A 16 -6.35 0.13 5.56
C LEU A 16 -7.13 0.78 6.68
N VAL A 17 -8.45 0.53 6.70
CA VAL A 17 -9.31 1.09 7.73
C VAL A 17 -9.26 0.28 9.01
N GLU A 1 -0.15 -7.61 0.21
CA GLU A 1 0.15 -7.66 -1.22
C GLU A 1 1.37 -6.82 -1.55
N PHE A 2 1.21 -5.50 -1.51
CA PHE A 2 2.30 -4.58 -1.80
C PHE A 2 2.71 -4.68 -3.27
N LYS A 3 1.89 -5.36 -4.06
CA LYS A 3 2.16 -5.52 -5.48
C LYS A 3 1.03 -4.94 -6.32
N ARG A 4 -0.05 -4.54 -5.65
CA ARG A 4 -1.21 -3.97 -6.34
C ARG A 4 -1.15 -2.44 -6.31
N ILE A 5 -0.10 -1.89 -6.91
CA ILE A 5 0.07 -0.43 -6.96
C ILE A 5 0.37 0.13 -5.57
N VAL A 6 0.69 -0.76 -4.63
CA VAL A 6 1.00 -0.36 -3.27
C VAL A 6 2.50 -0.43 -3.00
N GLN A 7 3.24 -0.97 -3.96
CA GLN A 7 4.68 -1.10 -3.82
C GLN A 7 5.32 0.23 -3.45
N ARG A 8 4.66 1.32 -3.84
CA ARG A 8 5.16 2.67 -3.55
C ARG A 8 5.35 2.86 -2.05
N ILE A 9 4.60 2.10 -1.26
CA ILE A 9 4.68 2.19 0.19
C ILE A 9 3.93 3.41 0.72
N LYS A 10 3.50 4.28 -0.20
CA LYS A 10 2.77 5.47 0.17
C LYS A 10 1.62 5.14 1.11
N ASP A 11 1.05 3.96 0.93
CA ASP A 11 -0.06 3.52 1.78
C ASP A 11 0.31 2.26 2.57
N PHE A 12 0.27 1.12 1.90
CA PHE A 12 0.61 -0.15 2.53
C PHE A 12 -0.48 -0.58 3.50
N LEU A 13 -0.60 0.15 4.61
CA LEU A 13 -1.61 -0.14 5.62
C LEU A 13 -2.67 0.94 5.68
N ARG A 14 -2.39 2.06 5.01
CA ARG A 14 -3.33 3.19 4.99
C ARG A 14 -4.32 3.04 3.85
N ASN A 15 -4.29 1.89 3.19
CA ASN A 15 -5.20 1.62 2.07
C ASN A 15 -6.60 1.28 2.59
N LEU A 16 -6.73 1.17 3.91
CA LEU A 16 -8.01 0.85 4.52
C LEU A 16 -8.59 2.06 5.23
N VAL A 17 -7.71 2.90 5.78
CA VAL A 17 -8.14 4.10 6.49
C VAL A 17 -8.70 5.14 5.53
N GLU A 1 -0.93 -5.88 0.36
CA GLU A 1 -0.30 -6.86 -0.52
C GLU A 1 1.06 -6.36 -0.99
N PHE A 2 1.18 -5.06 -1.17
CA PHE A 2 2.43 -4.45 -1.62
C PHE A 2 2.74 -4.85 -3.06
N LYS A 3 1.76 -5.48 -3.71
CA LYS A 3 1.92 -5.91 -5.10
C LYS A 3 0.85 -5.30 -5.99
N ARG A 4 -0.10 -4.62 -5.37
CA ARG A 4 -1.18 -3.98 -6.10
C ARG A 4 -1.03 -2.46 -6.08
N ILE A 5 0.05 -1.97 -6.67
CA ILE A 5 0.32 -0.54 -6.72
C ILE A 5 0.59 0.02 -5.32
N VAL A 6 0.82 -0.88 -4.37
CA VAL A 6 1.11 -0.48 -3.00
C VAL A 6 2.60 -0.57 -2.70
N GLN A 7 3.35 -1.20 -3.60
CA GLN A 7 4.78 -1.36 -3.43
C GLN A 7 5.45 -0.01 -3.16
N ARG A 8 4.82 1.07 -3.64
CA ARG A 8 5.36 2.41 -3.45
C ARG A 8 5.51 2.73 -1.97
N ILE A 9 4.78 2.00 -1.13
CA ILE A 9 4.83 2.21 0.31
C ILE A 9 4.03 3.44 0.73
N LYS A 10 3.59 4.21 -0.26
CA LYS A 10 2.80 5.41 0.00
C LYS A 10 1.66 5.12 0.97
N ASP A 11 1.12 3.90 0.89
CA ASP A 11 0.03 3.50 1.77
C ASP A 11 0.43 2.31 2.62
N PHE A 12 0.40 1.11 2.04
CA PHE A 12 0.77 -0.10 2.74
C PHE A 12 -0.31 -0.47 3.77
N LEU A 13 -0.41 0.33 4.82
CA LEU A 13 -1.39 0.09 5.88
C LEU A 13 -2.56 1.06 5.77
N ARG A 14 -2.42 2.05 4.88
CA ARG A 14 -3.46 3.04 4.68
C ARG A 14 -4.48 2.57 3.64
N ASN A 15 -4.33 1.32 3.21
CA ASN A 15 -5.24 0.75 2.22
C ASN A 15 -6.45 0.11 2.90
N LEU A 16 -6.57 0.30 4.21
CA LEU A 16 -7.68 -0.25 4.96
C LEU A 16 -8.59 0.86 5.49
N VAL A 17 -7.98 2.01 5.81
CA VAL A 17 -8.73 3.15 6.32
C VAL A 17 -9.80 3.58 5.33
N GLU A 1 0.03 -7.32 0.25
CA GLU A 1 0.17 -7.41 -1.19
C GLU A 1 1.39 -6.64 -1.68
N PHE A 2 1.30 -5.31 -1.66
CA PHE A 2 2.40 -4.47 -2.10
C PHE A 2 2.64 -4.61 -3.59
N LYS A 3 1.71 -5.28 -4.27
CA LYS A 3 1.82 -5.49 -5.72
C LYS A 3 0.61 -4.88 -6.44
N ARG A 4 -0.37 -4.43 -5.67
CA ARG A 4 -1.57 -3.84 -6.24
C ARG A 4 -1.49 -2.31 -6.22
N ILE A 5 -0.46 -1.77 -6.88
CA ILE A 5 -0.26 -0.33 -6.94
C ILE A 5 0.13 0.22 -5.58
N VAL A 6 0.51 -0.67 -4.66
CA VAL A 6 0.91 -0.27 -3.32
C VAL A 6 2.42 -0.41 -3.13
N GLN A 7 3.09 -0.83 -4.19
CA GLN A 7 4.55 -1.00 -4.14
C GLN A 7 5.24 0.31 -3.80
N ARG A 8 4.54 1.41 -3.99
CA ARG A 8 5.09 2.73 -3.71
C ARG A 8 5.37 2.89 -2.21
N ILE A 9 4.65 2.13 -1.40
CA ILE A 9 4.81 2.18 0.05
C ILE A 9 4.10 3.40 0.64
N LYS A 10 3.64 4.29 -0.25
CA LYS A 10 2.94 5.49 0.19
C LYS A 10 1.84 5.15 1.20
N ASP A 11 1.24 3.98 1.04
CA ASP A 11 0.19 3.54 1.94
C ASP A 11 0.58 2.24 2.65
N PHE A 12 0.45 1.12 1.94
CA PHE A 12 0.79 -0.18 2.49
C PHE A 12 -0.24 -0.61 3.52
N LEU A 13 -0.26 0.08 4.66
CA LEU A 13 -1.20 -0.24 5.72
C LEU A 13 -2.33 0.79 5.79
N ARG A 14 -2.18 1.86 5.03
CA ARG A 14 -3.18 2.92 4.99
C ARG A 14 -4.24 2.64 3.93
N ASN A 15 -4.17 1.45 3.34
CA ASN A 15 -5.12 1.05 2.31
C ASN A 15 -6.45 0.62 2.93
N LEU A 16 -6.49 0.57 4.26
CA LEU A 16 -7.70 0.17 4.97
C LEU A 16 -8.37 1.37 5.62
N VAL A 17 -7.57 2.34 6.03
CA VAL A 17 -8.09 3.55 6.67
C VAL A 17 -8.98 4.33 5.71
N GLU A 1 -0.42 -6.86 1.09
CA GLU A 1 -0.19 -6.93 -0.36
C GLU A 1 1.16 -6.31 -0.71
N PHE A 2 1.21 -4.98 -0.73
CA PHE A 2 2.44 -4.28 -1.07
C PHE A 2 2.81 -4.49 -2.53
N LYS A 3 1.93 -5.14 -3.27
CA LYS A 3 2.16 -5.41 -4.68
C LYS A 3 1.04 -4.84 -5.55
N ARG A 4 0.00 -4.35 -4.90
CA ARG A 4 -1.14 -3.77 -5.60
C ARG A 4 -1.16 -2.24 -5.45
N ILE A 5 -0.39 -1.56 -6.30
CA ILE A 5 -0.33 -0.11 -6.27
C ILE A 5 0.18 0.38 -4.91
N VAL A 6 0.78 -0.53 -4.15
CA VAL A 6 1.32 -0.18 -2.84
C VAL A 6 2.82 -0.44 -2.76
N GLN A 7 3.41 -0.77 -3.91
CA GLN A 7 4.84 -1.05 -3.97
C GLN A 7 5.65 0.23 -3.76
N ARG A 8 5.02 1.36 -4.01
CA ARG A 8 5.68 2.66 -3.85
C ARG A 8 6.02 2.91 -2.38
N ILE A 9 5.30 2.23 -1.49
CA ILE A 9 5.51 2.39 -0.05
C ILE A 9 4.87 3.67 0.45
N LYS A 10 4.41 4.51 -0.47
CA LYS A 10 3.77 5.77 -0.11
C LYS A 10 2.70 5.55 0.95
N ASP A 11 2.03 4.40 0.89
CA ASP A 11 0.99 4.07 1.85
C ASP A 11 1.40 2.88 2.71
N PHE A 12 1.30 1.68 2.13
CA PHE A 12 1.66 0.46 2.85
C PHE A 12 0.62 0.13 3.91
N LEU A 13 0.57 0.95 4.96
CA LEU A 13 -0.38 0.74 6.04
C LEU A 13 -1.57 1.70 5.92
N ARG A 14 -1.44 2.68 5.04
CA ARG A 14 -2.49 3.66 4.82
C ARG A 14 -3.48 3.17 3.76
N ASN A 15 -3.32 1.92 3.34
CA ASN A 15 -4.19 1.33 2.33
C ASN A 15 -5.52 0.90 2.95
N LEU A 16 -5.62 1.02 4.26
CA LEU A 16 -6.83 0.64 4.97
C LEU A 16 -8.03 1.46 4.49
N VAL A 17 -9.04 0.77 3.96
CA VAL A 17 -10.24 1.43 3.47
C VAL A 17 -9.88 2.55 2.50
N GLU A 1 -1.22 -5.43 0.61
CA GLU A 1 -0.66 -6.50 -0.20
C GLU A 1 0.73 -6.14 -0.71
N PHE A 2 0.95 -4.84 -0.94
CA PHE A 2 2.23 -4.36 -1.42
C PHE A 2 2.50 -4.85 -2.85
N LYS A 3 1.49 -5.43 -3.47
CA LYS A 3 1.61 -5.94 -4.83
C LYS A 3 0.61 -5.27 -5.75
N ARG A 4 -0.30 -4.49 -5.17
CA ARG A 4 -1.32 -3.79 -5.95
C ARG A 4 -1.03 -2.29 -5.99
N ILE A 5 0.07 -1.93 -6.64
CA ILE A 5 0.46 -0.53 -6.76
C ILE A 5 0.76 0.08 -5.39
N VAL A 6 0.89 -0.78 -4.39
CA VAL A 6 1.19 -0.33 -3.04
C VAL A 6 2.67 -0.51 -2.70
N GLN A 7 3.37 -1.23 -3.56
CA GLN A 7 4.80 -1.49 -3.35
C GLN A 7 5.56 -0.18 -3.13
N ARG A 8 5.01 0.91 -3.66
CA ARG A 8 5.63 2.22 -3.53
C ARG A 8 5.80 2.58 -2.05
N ILE A 9 5.01 1.95 -1.20
CA ILE A 9 5.07 2.21 0.23
C ILE A 9 4.34 3.50 0.59
N LYS A 10 3.96 4.26 -0.44
CA LYS A 10 3.25 5.52 -0.23
C LYS A 10 2.07 5.33 0.72
N ASP A 11 1.47 4.15 0.67
CA ASP A 11 0.33 3.85 1.54
C ASP A 11 0.64 2.68 2.46
N PHE A 12 0.57 1.47 1.91
CA PHE A 12 0.85 0.26 2.69
C PHE A 12 -0.28 -0.02 3.67
N LEU A 13 -0.39 0.84 4.70
CA LEU A 13 -1.42 0.68 5.72
C LEU A 13 -2.55 1.66 5.48
N ARG A 14 -2.36 2.59 4.55
CA ARG A 14 -3.38 3.59 4.24
C ARG A 14 -4.43 3.02 3.30
N ASN A 15 -4.19 1.78 2.84
CA ASN A 15 -5.12 1.12 1.92
C ASN A 15 -5.93 0.06 2.65
N LEU A 16 -5.78 0.01 3.97
CA LEU A 16 -6.50 -0.96 4.79
C LEU A 16 -7.70 -0.32 5.46
N VAL A 17 -7.56 0.94 5.84
CA VAL A 17 -8.64 1.68 6.48
C VAL A 17 -9.01 2.93 5.69
N GLU A 1 -0.94 -7.32 0.48
CA GLU A 1 -0.40 -7.73 -0.81
C GLU A 1 0.98 -7.14 -1.03
N PHE A 2 1.11 -5.84 -0.82
CA PHE A 2 2.39 -5.17 -1.00
C PHE A 2 2.85 -5.23 -2.46
N LYS A 3 1.96 -5.69 -3.33
CA LYS A 3 2.27 -5.80 -4.75
C LYS A 3 1.27 -5.01 -5.58
N ARG A 4 0.16 -4.63 -4.97
CA ARG A 4 -0.87 -3.87 -5.65
C ARG A 4 -0.65 -2.37 -5.49
N ILE A 5 0.24 -1.81 -6.32
CA ILE A 5 0.55 -0.39 -6.27
C ILE A 5 1.05 0.01 -4.89
N VAL A 6 1.47 -0.97 -4.10
CA VAL A 6 1.98 -0.73 -2.76
C VAL A 6 3.50 -0.59 -2.76
N GLN A 7 4.11 -0.88 -3.90
CA GLN A 7 5.55 -0.81 -4.04
C GLN A 7 6.05 0.60 -3.68
N ARG A 8 5.19 1.58 -3.87
CA ARG A 8 5.54 2.97 -3.56
C ARG A 8 5.35 3.27 -2.08
N ILE A 9 4.68 2.37 -1.38
CA ILE A 9 4.43 2.53 0.04
C ILE A 9 3.46 3.69 0.30
N LYS A 10 2.85 4.18 -0.77
CA LYS A 10 1.90 5.29 -0.67
C LYS A 10 0.85 5.00 0.40
N ASP A 11 0.42 3.75 0.47
CA ASP A 11 -0.58 3.34 1.45
C ASP A 11 -0.05 2.23 2.34
N PHE A 12 -0.01 1.01 1.81
CA PHE A 12 0.48 -0.14 2.55
C PHE A 12 -0.48 -0.51 3.69
N LEU A 13 -0.54 0.35 4.71
CA LEU A 13 -1.43 0.11 5.84
C LEU A 13 -2.43 1.25 5.99
N ARG A 14 -2.28 2.28 5.17
CA ARG A 14 -3.17 3.43 5.22
C ARG A 14 -4.39 3.20 4.32
N ASN A 15 -4.51 2.00 3.79
CA ASN A 15 -5.62 1.65 2.90
C ASN A 15 -6.83 1.18 3.71
N LEU A 16 -6.64 1.07 5.02
CA LEU A 16 -7.72 0.63 5.90
C LEU A 16 -8.31 1.81 6.66
N VAL A 17 -7.46 2.76 7.01
CA VAL A 17 -7.89 3.95 7.75
C VAL A 17 -8.63 4.93 6.83
N GLU A 1 -0.93 -7.48 -0.26
CA GLU A 1 -0.56 -7.37 -1.67
C GLU A 1 0.84 -6.77 -1.82
N PHE A 2 0.93 -5.46 -1.60
CA PHE A 2 2.21 -4.76 -1.71
C PHE A 2 2.72 -4.78 -3.16
N LYS A 3 1.85 -5.22 -4.07
CA LYS A 3 2.21 -5.29 -5.48
C LYS A 3 1.25 -4.45 -6.32
N ARG A 4 0.16 -4.01 -5.71
CA ARG A 4 -0.83 -3.20 -6.40
C ARG A 4 -0.47 -1.72 -6.35
N ILE A 5 0.69 -1.38 -6.91
CA ILE A 5 1.15 0.00 -6.92
C ILE A 5 1.47 0.49 -5.51
N VAL A 6 1.57 -0.46 -4.58
CA VAL A 6 1.87 -0.11 -3.19
C VAL A 6 3.36 -0.23 -2.91
N GLN A 7 4.13 -0.59 -3.94
CA GLN A 7 5.58 -0.74 -3.81
C GLN A 7 6.21 0.55 -3.31
N ARG A 8 5.56 1.68 -3.59
CA ARG A 8 6.05 2.98 -3.18
C ARG A 8 5.66 3.28 -1.73
N ILE A 9 4.94 2.35 -1.11
CA ILE A 9 4.51 2.52 0.27
C ILE A 9 3.49 3.65 0.39
N LYS A 10 3.01 4.13 -0.75
CA LYS A 10 2.03 5.21 -0.77
C LYS A 10 0.90 4.95 0.21
N ASP A 11 0.44 3.71 0.26
CA ASP A 11 -0.63 3.32 1.15
C ASP A 11 -0.19 2.21 2.10
N PHE A 12 -0.16 0.98 1.58
CA PHE A 12 0.25 -0.17 2.38
C PHE A 12 -0.78 -0.47 3.47
N LEU A 13 -0.83 0.40 4.47
CA LEU A 13 -1.77 0.22 5.57
C LEU A 13 -2.75 1.40 5.65
N ARG A 14 -2.52 2.40 4.82
CA ARG A 14 -3.37 3.58 4.79
C ARG A 14 -4.66 3.31 4.00
N ASN A 15 -4.73 2.13 3.40
CA ASN A 15 -5.90 1.74 2.61
C ASN A 15 -6.93 1.04 3.49
N LEU A 16 -6.68 1.01 4.79
CA LEU A 16 -7.59 0.37 5.74
C LEU A 16 -8.26 1.40 6.64
N VAL A 17 -7.51 2.41 7.04
CA VAL A 17 -8.03 3.47 7.90
C VAL A 17 -8.71 4.55 7.08
N GLU A 1 0.88 -6.67 1.00
CA GLU A 1 0.77 -6.81 -0.45
C GLU A 1 1.99 -6.20 -1.14
N PHE A 2 2.04 -4.88 -1.19
CA PHE A 2 3.15 -4.18 -1.83
C PHE A 2 3.16 -4.43 -3.34
N LYS A 3 2.09 -5.02 -3.84
CA LYS A 3 1.97 -5.31 -5.26
C LYS A 3 0.74 -4.62 -5.86
N ARG A 4 -0.15 -4.17 -4.99
CA ARG A 4 -1.37 -3.50 -5.44
C ARG A 4 -1.44 -2.07 -4.87
N ILE A 5 -0.92 -1.11 -5.63
CA ILE A 5 -0.92 0.28 -5.20
C ILE A 5 -0.20 0.45 -3.88
N VAL A 6 0.58 -0.56 -3.50
CA VAL A 6 1.33 -0.52 -2.26
C VAL A 6 2.83 -0.63 -2.51
N GLN A 7 3.19 -0.99 -3.74
CA GLN A 7 4.59 -1.15 -4.11
C GLN A 7 5.37 0.15 -3.85
N ARG A 8 4.65 1.27 -3.82
CA ARG A 8 5.27 2.57 -3.59
C ARG A 8 5.51 2.79 -2.09
N ILE A 9 4.72 2.11 -1.26
CA ILE A 9 4.85 2.23 0.18
C ILE A 9 4.21 3.52 0.68
N LYS A 10 3.83 4.39 -0.25
CA LYS A 10 3.21 5.66 0.09
C LYS A 10 2.04 5.45 1.06
N ASP A 11 1.38 4.31 0.94
CA ASP A 11 0.25 3.99 1.81
C ASP A 11 0.58 2.79 2.70
N PHE A 12 0.46 1.60 2.13
CA PHE A 12 0.74 0.37 2.88
C PHE A 12 -0.35 0.09 3.91
N LEU A 13 -0.40 0.92 4.93
CA LEU A 13 -1.40 0.77 5.99
C LEU A 13 -2.28 2.01 6.09
N ARG A 14 -1.92 3.05 5.34
CA ARG A 14 -2.68 4.30 5.34
C ARG A 14 -3.95 4.16 4.52
N ASN A 15 -4.11 3.01 3.86
CA ASN A 15 -5.28 2.75 3.04
C ASN A 15 -6.48 2.37 3.90
N LEU A 16 -6.25 2.23 5.20
CA LEU A 16 -7.31 1.86 6.14
C LEU A 16 -7.71 0.40 5.95
N VAL A 17 -8.34 0.11 4.82
CA VAL A 17 -8.78 -1.25 4.51
C VAL A 17 -9.60 -1.83 5.66
#